data_9BFJ
#
_entry.id   9BFJ
#
_cell.length_a   1.00
_cell.length_b   1.00
_cell.length_c   1.00
_cell.angle_alpha   90.00
_cell.angle_beta   90.00
_cell.angle_gamma   90.00
#
_symmetry.space_group_name_H-M   'P 1'
#
loop_
_entity.id
_entity.type
_entity.pdbx_description
1 polymer 'High affinity choline transporter 1'
2 non-polymer 'CHOLINE ION'
3 non-polymer 'CHLORIDE ION'
4 non-polymer 'SODIUM ION'
#
_entity_poly.entity_id   1
_entity_poly.type   'polypeptide(L)'
_entity_poly.pdbx_seq_one_letter_code
;MAFHVEGLIAIIVFYLLILLVGIWAAWRTKNSGSAEERSEAIIVGGRDIGLLVGGFTMTATWVGGGYINGTAEAVYVPGY
GLAWAQAPIGYSLSLILGGLFFAKPMRSKGYVTMLDPFQQIYGKRMGGLLFIPALMGEMFWAAAIFSALGATISVIIDVD
MHISVIISALIATLYTLVGGLYSVAYTDVVQLFCIFVGLWISVPFALSHPAVADIGFTAVHAKYQKPWLGTVDSSEVYSW
LDSFLLLMLGGIPWQAYFQRVLSSSSATYAQVLSFLAAFGCLVMAIPAILIGAIGASTDWNQTAYGLPDPKTTEEADMIL
PIVLQYLCPVYISFFGLGAVSAAVMSSADSSILSASSMFARNIYQLSFRQNASDKEIVWVMRITVFVFGASATAMALLTK
TVYGLWYLSSDLVYIVIFPQLLCVLFVKGTNTYGAVAGYVSGLFLRITGGEPYLYLQPLIFYPGYYPDDNGIYNQKFPFK
TLAMVTSFLTNICISYLAKYLFESGTLPPKLDVFDAVVARHSEENMDKTILVKNENIKLDELALVKPRQSMTLSSTFTNK
EAFLDVDSSPEGSGTEDNLQAAAGGSWSHPQFEKGGGSGGGSGGSAWSHPQFEK
;
_entity_poly.pdbx_strand_id   A
#
# COMPACT_ATOMS: atom_id res chain seq x y z
N ALA A 2 7.76 21.39 -26.10
CA ALA A 2 6.75 22.04 -25.26
C ALA A 2 6.98 21.73 -23.79
N PHE A 3 7.58 20.57 -23.50
CA PHE A 3 7.84 20.20 -22.12
C PHE A 3 8.97 21.05 -21.55
N HIS A 4 8.84 21.40 -20.27
CA HIS A 4 9.84 22.24 -19.61
C HIS A 4 11.05 21.42 -19.22
N VAL A 5 12.21 21.77 -19.79
CA VAL A 5 13.45 21.08 -19.47
C VAL A 5 13.90 21.36 -18.04
N GLU A 6 13.37 22.43 -17.44
CA GLU A 6 13.67 22.74 -16.04
C GLU A 6 13.21 21.61 -15.12
N GLY A 7 12.04 21.04 -15.40
CA GLY A 7 11.55 19.93 -14.58
C GLY A 7 12.42 18.69 -14.69
N LEU A 8 12.86 18.37 -15.90
CA LEU A 8 13.72 17.21 -16.08
C LEU A 8 15.06 17.40 -15.39
N ILE A 9 15.66 18.59 -15.53
CA ILE A 9 16.92 18.84 -14.83
C ILE A 9 16.71 18.85 -13.32
N ALA A 10 15.53 19.27 -12.85
CA ALA A 10 15.26 19.30 -11.42
C ALA A 10 15.10 17.91 -10.85
N ILE A 11 14.37 17.03 -11.54
CA ILE A 11 14.24 15.67 -11.04
C ILE A 11 15.58 14.95 -11.12
N ILE A 12 16.40 15.25 -12.13
CA ILE A 12 17.74 14.65 -12.22
C ILE A 12 18.59 15.08 -11.04
N VAL A 13 18.63 16.39 -10.74
CA VAL A 13 19.50 16.87 -9.67
C VAL A 13 18.97 16.41 -8.30
N PHE A 14 17.65 16.32 -8.12
CA PHE A 14 17.11 15.82 -6.86
C PHE A 14 17.43 14.34 -6.67
N TYR A 15 17.32 13.54 -7.73
CA TYR A 15 17.67 12.12 -7.64
C TYR A 15 19.14 11.94 -7.29
N LEU A 16 20.02 12.73 -7.94
CA LEU A 16 21.45 12.64 -7.62
C LEU A 16 21.73 13.11 -6.20
N LEU A 17 21.03 14.15 -5.73
CA LEU A 17 21.22 14.63 -4.36
C LEU A 17 20.77 13.59 -3.35
N ILE A 18 19.71 12.85 -3.67
CA ILE A 18 19.27 11.76 -2.79
C ILE A 18 20.31 10.66 -2.75
N LEU A 19 20.84 10.27 -3.91
CA LEU A 19 21.72 9.10 -3.95
C LEU A 19 23.12 9.41 -3.40
N LEU A 20 23.62 10.63 -3.60
CA LEU A 20 25.00 10.96 -3.23
C LEU A 20 25.19 10.94 -1.71
N VAL A 21 24.23 11.49 -0.97
CA VAL A 21 24.34 11.50 0.49
C VAL A 21 24.28 10.07 1.03
N GLY A 22 23.44 9.23 0.43
CA GLY A 22 23.39 7.83 0.85
C GLY A 22 24.68 7.08 0.56
N ILE A 23 25.30 7.35 -0.59
CA ILE A 23 26.58 6.74 -0.92
C ILE A 23 27.65 7.18 0.08
N TRP A 24 27.66 8.47 0.43
CA TRP A 24 28.61 8.98 1.41
C TRP A 24 28.39 8.34 2.78
N ALA A 25 27.13 8.20 3.20
CA ALA A 25 26.84 7.61 4.50
C ALA A 25 27.21 6.13 4.52
N ALA A 26 26.99 5.41 3.42
CA ALA A 26 27.43 4.03 3.35
C ALA A 26 28.96 3.91 3.35
N TRP A 27 29.64 4.88 2.75
CA TRP A 27 31.10 4.92 2.81
C TRP A 27 31.58 5.10 4.24
N ARG A 28 30.97 6.02 4.98
CA ARG A 28 31.34 6.22 6.38
C ARG A 28 30.99 5.00 7.21
N THR A 29 29.79 4.46 7.04
CA THR A 29 29.33 3.32 7.83
C THR A 29 29.48 2.01 7.06
N ARG A 47 24.34 8.84 20.06
CA ARG A 47 24.02 8.65 21.47
C ARG A 47 22.61 8.09 21.67
N ASP A 48 22.48 6.78 21.48
CA ASP A 48 21.20 6.06 21.63
C ASP A 48 20.12 6.66 20.73
N ILE A 49 20.49 6.92 19.48
CA ILE A 49 19.61 7.54 18.51
C ILE A 49 19.22 6.60 17.38
N GLY A 50 19.75 5.37 17.38
CA GLY A 50 19.45 4.44 16.31
C GLY A 50 17.99 4.01 16.27
N LEU A 51 17.29 4.09 17.41
CA LEU A 51 15.86 3.82 17.44
C LEU A 51 15.09 4.82 16.58
N LEU A 52 15.47 6.09 16.66
CA LEU A 52 14.87 7.11 15.81
C LEU A 52 15.15 6.84 14.33
N VAL A 53 16.37 6.39 14.03
CA VAL A 53 16.74 6.11 12.64
C VAL A 53 15.93 4.95 12.09
N GLY A 54 15.76 3.90 12.90
CA GLY A 54 14.92 2.78 12.48
C GLY A 54 13.47 3.17 12.27
N GLY A 55 12.94 4.00 13.17
CA GLY A 55 11.58 4.49 12.99
C GLY A 55 11.41 5.32 11.74
N PHE A 56 12.37 6.20 11.46
CA PHE A 56 12.32 7.01 10.25
C PHE A 56 12.42 6.16 8.99
N THR A 57 13.27 5.14 9.02
CA THR A 57 13.42 4.25 7.87
C THR A 57 12.13 3.47 7.61
N MET A 58 11.49 2.98 8.67
CA MET A 58 10.23 2.28 8.50
C MET A 58 9.13 3.21 8.00
N THR A 59 9.12 4.47 8.47
CA THR A 59 8.17 5.44 7.96
C THR A 59 8.39 5.71 6.48
N ALA A 60 9.65 5.82 6.05
CA ALA A 60 9.95 6.04 4.64
C ALA A 60 9.53 4.84 3.80
N THR A 61 9.70 3.63 4.33
CA THR A 61 9.21 2.44 3.63
C THR A 61 7.69 2.45 3.49
N TRP A 62 6.98 2.84 4.55
CA TRP A 62 5.51 2.75 4.55
C TRP A 62 4.88 3.85 3.70
N VAL A 63 5.39 5.07 3.79
CA VAL A 63 4.76 6.23 3.16
C VAL A 63 5.33 6.39 1.75
N GLY A 64 4.50 6.16 0.74
CA GLY A 64 4.89 6.28 -0.65
C GLY A 64 3.92 7.12 -1.43
N GLY A 65 3.82 6.80 -2.73
CA GLY A 65 2.90 7.53 -3.59
C GLY A 65 1.45 7.30 -3.23
N GLY A 66 1.13 6.09 -2.79
CA GLY A 66 -0.17 5.75 -2.25
C GLY A 66 -0.61 6.71 -1.15
N TYR A 67 0.18 6.81 -0.08
CA TYR A 67 -0.14 7.70 1.02
C TYR A 67 -0.46 9.11 0.52
N ILE A 68 0.51 9.76 -0.12
CA ILE A 68 0.39 11.18 -0.46
C ILE A 68 -0.72 11.39 -1.48
N ASN A 69 -0.57 10.78 -2.67
CA ASN A 69 -1.49 11.08 -3.76
C ASN A 69 -2.87 10.47 -3.54
N GLY A 70 -2.94 9.23 -3.05
CA GLY A 70 -4.22 8.61 -2.79
C GLY A 70 -4.99 9.28 -1.67
N THR A 71 -4.29 9.75 -0.62
CA THR A 71 -4.98 10.48 0.43
C THR A 71 -5.53 11.79 -0.09
N ALA A 72 -4.76 12.49 -0.94
CA ALA A 72 -5.26 13.73 -1.51
C ALA A 72 -6.46 13.49 -2.42
N GLU A 73 -6.41 12.41 -3.21
CA GLU A 73 -7.51 12.08 -4.10
C GLU A 73 -8.77 11.71 -3.32
N ALA A 74 -8.62 10.89 -2.26
CA ALA A 74 -9.79 10.47 -1.48
C ALA A 74 -10.44 11.65 -0.77
N VAL A 75 -9.63 12.57 -0.22
CA VAL A 75 -10.20 13.77 0.38
C VAL A 75 -10.86 14.64 -0.68
N TYR A 76 -10.29 14.67 -1.89
CA TYR A 76 -10.77 15.59 -2.92
C TYR A 76 -12.11 15.15 -3.52
N VAL A 77 -12.30 13.85 -3.73
CA VAL A 77 -13.47 13.35 -4.48
C VAL A 77 -14.73 13.54 -3.64
N PRO A 78 -15.79 14.14 -4.20
CA PRO A 78 -16.99 14.43 -3.40
C PRO A 78 -17.67 13.21 -2.81
N GLY A 79 -17.60 12.07 -3.49
CA GLY A 79 -18.19 10.85 -2.93
C GLY A 79 -17.53 10.38 -1.66
N TYR A 80 -16.23 10.65 -1.50
CA TYR A 80 -15.50 10.14 -0.34
C TYR A 80 -15.35 11.17 0.77
N GLY A 81 -14.58 12.22 0.53
CA GLY A 81 -14.23 13.14 1.60
C GLY A 81 -13.21 12.54 2.57
N LEU A 82 -12.97 13.28 3.65
CA LEU A 82 -12.07 12.80 4.69
C LEU A 82 -12.67 11.62 5.45
N ALA A 83 -14.00 11.58 5.58
CA ALA A 83 -14.65 10.50 6.31
C ALA A 83 -14.42 9.15 5.66
N TRP A 84 -14.15 9.12 4.36
CA TRP A 84 -13.90 7.89 3.64
C TRP A 84 -12.43 7.72 3.22
N ALA A 85 -11.56 8.65 3.61
CA ALA A 85 -10.12 8.51 3.37
C ALA A 85 -9.51 7.71 4.53
N GLN A 86 -9.88 6.44 4.58
CA GLN A 86 -9.56 5.59 5.71
C GLN A 86 -8.21 4.90 5.60
N ALA A 87 -7.64 4.83 4.39
CA ALA A 87 -6.37 4.13 4.21
C ALA A 87 -5.19 4.76 4.96
N PRO A 88 -4.99 6.09 5.00
CA PRO A 88 -3.87 6.59 5.83
C PRO A 88 -4.00 6.27 7.31
N ILE A 89 -5.19 6.49 7.89
CA ILE A 89 -5.40 6.18 9.30
C ILE A 89 -5.29 4.68 9.55
N GLY A 90 -5.94 3.88 8.71
CA GLY A 90 -5.91 2.43 8.89
C GLY A 90 -4.53 1.83 8.72
N TYR A 91 -3.78 2.31 7.73
CA TYR A 91 -2.44 1.81 7.50
C TYR A 91 -1.47 2.28 8.56
N SER A 92 -1.70 3.45 9.16
CA SER A 92 -0.90 3.84 10.31
C SER A 92 -1.22 2.99 11.53
N LEU A 93 -2.51 2.70 11.77
CA LEU A 93 -2.90 1.86 12.90
C LEU A 93 -2.46 0.41 12.71
N SER A 94 -2.23 -0.02 11.47
CA SER A 94 -1.67 -1.34 11.22
C SER A 94 -0.30 -1.49 11.89
N LEU A 95 0.51 -0.44 11.88
CA LEU A 95 1.82 -0.50 12.52
C LEU A 95 1.72 -0.59 14.03
N ILE A 96 0.77 0.14 14.62
CA ILE A 96 0.54 0.06 16.06
C ILE A 96 0.08 -1.35 16.44
N LEU A 97 -0.86 -1.91 15.67
CA LEU A 97 -1.34 -3.26 15.97
C LEU A 97 -0.24 -4.30 15.77
N GLY A 98 0.57 -4.13 14.73
CA GLY A 98 1.70 -5.02 14.53
C GLY A 98 2.68 -4.99 15.68
N GLY A 99 3.05 -3.78 16.12
CA GLY A 99 3.94 -3.66 17.26
C GLY A 99 3.35 -4.25 18.53
N LEU A 100 2.05 -4.05 18.75
CA LEU A 100 1.43 -4.56 19.97
C LEU A 100 1.33 -6.08 19.96
N PHE A 101 0.95 -6.69 18.84
CA PHE A 101 0.54 -8.08 18.88
C PHE A 101 1.37 -9.03 18.04
N PHE A 102 1.91 -8.60 16.90
CA PHE A 102 2.55 -9.51 15.97
C PHE A 102 4.06 -9.47 16.01
N ALA A 103 4.65 -8.44 16.61
CA ALA A 103 6.12 -8.30 16.56
C ALA A 103 6.82 -9.39 17.35
N LYS A 104 6.38 -9.62 18.59
CA LYS A 104 7.00 -10.67 19.41
C LYS A 104 6.80 -12.08 18.86
N PRO A 105 5.59 -12.53 18.48
CA PRO A 105 5.47 -13.91 17.99
C PRO A 105 6.25 -14.20 16.71
N MET A 106 6.41 -13.21 15.83
CA MET A 106 7.19 -13.46 14.61
C MET A 106 8.68 -13.53 14.91
N ARG A 107 9.15 -12.80 15.92
CA ARG A 107 10.56 -12.85 16.28
C ARG A 107 10.86 -14.10 17.11
N SER A 108 12.14 -14.29 17.43
CA SER A 108 12.69 -15.43 18.16
C SER A 108 12.47 -16.76 17.43
N LYS A 109 12.11 -16.71 16.15
CA LYS A 109 12.04 -17.89 15.30
C LYS A 109 12.84 -17.62 14.04
N GLY A 110 13.25 -18.69 13.37
CA GLY A 110 14.07 -18.54 12.18
C GLY A 110 13.29 -18.10 10.96
N TYR A 111 12.62 -16.95 11.04
CA TYR A 111 11.82 -16.43 9.94
C TYR A 111 12.64 -15.38 9.20
N VAL A 112 12.83 -15.58 7.90
CA VAL A 112 13.45 -14.59 7.04
C VAL A 112 12.41 -13.77 6.31
N THR A 113 11.37 -14.41 5.79
CA THR A 113 10.26 -13.72 5.15
C THR A 113 8.98 -13.99 5.93
N MET A 114 7.94 -13.24 5.57
CA MET A 114 6.63 -13.42 6.19
C MET A 114 6.01 -14.76 5.82
N LEU A 115 6.36 -15.31 4.66
CA LEU A 115 5.81 -16.58 4.22
C LEU A 115 6.44 -17.79 4.88
N ASP A 116 7.49 -17.59 5.67
CA ASP A 116 8.12 -18.72 6.36
C ASP A 116 7.22 -19.44 7.37
N PRO A 117 6.43 -18.76 8.23
CA PRO A 117 5.49 -19.53 9.06
C PRO A 117 4.49 -20.36 8.27
N PHE A 118 3.99 -19.81 7.15
CA PHE A 118 3.03 -20.54 6.34
C PHE A 118 3.66 -21.79 5.72
N GLN A 119 4.89 -21.68 5.23
CA GLN A 119 5.55 -22.83 4.65
C GLN A 119 5.98 -23.83 5.70
N GLN A 120 6.28 -23.36 6.92
CA GLN A 120 6.71 -24.26 7.98
C GLN A 120 5.54 -25.04 8.58
N ILE A 121 4.36 -24.44 8.66
CA ILE A 121 3.21 -25.12 9.25
C ILE A 121 2.37 -25.84 8.20
N TYR A 122 2.06 -25.17 7.10
CA TYR A 122 1.17 -25.75 6.10
C TYR A 122 1.90 -26.49 4.98
N GLY A 123 3.17 -26.21 4.75
CA GLY A 123 3.93 -26.83 3.68
C GLY A 123 4.29 -25.84 2.58
N LYS A 124 5.15 -26.32 1.68
CA LYS A 124 5.67 -25.46 0.61
C LYS A 124 4.57 -25.08 -0.37
N ARG A 125 3.70 -26.03 -0.72
CA ARG A 125 2.66 -25.76 -1.70
C ARG A 125 1.64 -24.74 -1.18
N MET A 126 1.22 -24.88 0.08
CA MET A 126 0.26 -23.93 0.63
C MET A 126 0.89 -22.56 0.85
N GLY A 127 2.18 -22.52 1.21
CA GLY A 127 2.86 -21.24 1.29
C GLY A 127 2.99 -20.55 -0.06
N GLY A 128 3.26 -21.32 -1.11
CA GLY A 128 3.26 -20.76 -2.45
C GLY A 128 1.89 -20.28 -2.88
N LEU A 129 0.84 -21.00 -2.46
CA LEU A 129 -0.53 -20.55 -2.72
C LEU A 129 -0.82 -19.23 -2.01
N LEU A 130 -0.35 -19.10 -0.76
CA LEU A 130 -0.53 -17.87 -0.02
C LEU A 130 0.33 -16.73 -0.54
N PHE A 131 1.37 -17.05 -1.31
CA PHE A 131 2.18 -16.02 -1.95
C PHE A 131 1.37 -15.22 -2.96
N ILE A 132 0.38 -15.85 -3.60
CA ILE A 132 -0.36 -15.18 -4.68
C ILE A 132 -1.12 -13.95 -4.21
N PRO A 133 -1.88 -13.97 -3.10
CA PRO A 133 -2.45 -12.70 -2.61
C PRO A 133 -1.39 -11.67 -2.22
N ALA A 134 -0.28 -12.10 -1.64
CA ALA A 134 0.79 -11.18 -1.29
C ALA A 134 1.43 -10.58 -2.53
N LEU A 135 1.66 -11.40 -3.57
CA LEU A 135 2.21 -10.89 -4.80
C LEU A 135 1.25 -9.93 -5.49
N MET A 136 -0.04 -10.23 -5.48
CA MET A 136 -1.03 -9.32 -6.05
C MET A 136 -1.10 -8.02 -5.27
N GLY A 137 -0.99 -8.09 -3.94
CA GLY A 137 -0.97 -6.87 -3.15
C GLY A 137 0.25 -6.01 -3.41
N GLU A 138 1.43 -6.64 -3.52
CA GLU A 138 2.63 -5.91 -3.90
C GLU A 138 2.48 -5.28 -5.28
N MET A 139 1.87 -6.00 -6.22
CA MET A 139 1.66 -5.45 -7.56
C MET A 139 0.70 -4.27 -7.53
N PHE A 140 -0.38 -4.35 -6.74
CA PHE A 140 -1.31 -3.24 -6.64
C PHE A 140 -0.65 -2.02 -6.02
N TRP A 141 0.15 -2.22 -4.97
CA TRP A 141 0.84 -1.11 -4.33
C TRP A 141 1.87 -0.48 -5.27
N ALA A 142 2.63 -1.31 -5.99
CA ALA A 142 3.59 -0.80 -6.95
C ALA A 142 2.91 -0.05 -8.08
N ALA A 143 1.77 -0.56 -8.55
CA ALA A 143 1.02 0.13 -9.60
C ALA A 143 0.49 1.47 -9.11
N ALA A 144 0.00 1.53 -7.87
CA ALA A 144 -0.48 2.79 -7.32
C ALA A 144 0.64 3.82 -7.20
N ILE A 145 1.81 3.41 -6.70
CA ILE A 145 2.89 4.38 -6.55
C ILE A 145 3.50 4.75 -7.90
N PHE A 146 3.55 3.83 -8.86
CA PHE A 146 3.99 4.16 -10.21
C PHE A 146 3.03 5.13 -10.86
N SER A 147 1.73 4.95 -10.64
CA SER A 147 0.73 5.89 -11.14
C SER A 147 0.90 7.26 -10.53
N ALA A 148 1.17 7.31 -9.22
CA ALA A 148 1.37 8.59 -8.54
C ALA A 148 2.59 9.33 -9.09
N LEU A 149 3.72 8.63 -9.22
CA LEU A 149 4.93 9.27 -9.75
C LEU A 149 4.76 9.67 -11.22
N GLY A 150 4.13 8.81 -12.01
CA GLY A 150 3.89 9.15 -13.40
C GLY A 150 2.98 10.35 -13.56
N ALA A 151 1.96 10.45 -12.72
CA ALA A 151 1.09 11.62 -12.75
C ALA A 151 1.84 12.87 -12.35
N THR A 152 2.69 12.79 -11.32
CA THR A 152 3.46 13.96 -10.90
C THR A 152 4.41 14.42 -11.99
N ILE A 153 5.12 13.48 -12.62
CA ILE A 153 6.04 13.82 -13.71
C ILE A 153 5.26 14.40 -14.89
N SER A 154 4.12 13.80 -15.23
CA SER A 154 3.34 14.23 -16.38
C SER A 154 2.77 15.63 -16.17
N VAL A 155 2.37 15.96 -14.95
CA VAL A 155 1.80 17.29 -14.71
C VAL A 155 2.90 18.34 -14.63
N ILE A 156 3.98 18.06 -13.91
CA ILE A 156 4.95 19.11 -13.62
C ILE A 156 5.93 19.29 -14.78
N ILE A 157 6.43 18.20 -15.37
CA ILE A 157 7.35 18.31 -16.50
C ILE A 157 6.63 18.38 -17.84
N ASP A 158 5.30 18.22 -17.85
CA ASP A 158 4.47 18.29 -19.07
C ASP A 158 4.88 17.20 -20.07
N VAL A 159 4.80 15.96 -19.61
CA VAL A 159 5.12 14.79 -20.40
C VAL A 159 3.82 13.99 -20.57
N ASP A 160 3.76 13.20 -21.65
CA ASP A 160 2.62 12.32 -21.87
C ASP A 160 2.51 11.30 -20.73
N MET A 161 1.27 11.00 -20.34
CA MET A 161 1.03 10.21 -19.15
C MET A 161 1.57 8.79 -19.27
N HIS A 162 1.39 8.16 -20.42
CA HIS A 162 1.90 6.81 -20.63
C HIS A 162 3.43 6.77 -20.58
N ILE A 163 4.07 7.72 -21.25
CA ILE A 163 5.53 7.79 -21.22
C ILE A 163 6.02 8.12 -19.82
N SER A 164 5.29 8.98 -19.10
CA SER A 164 5.67 9.31 -17.73
C SER A 164 5.59 8.10 -16.81
N VAL A 165 4.54 7.28 -16.95
CA VAL A 165 4.42 6.09 -16.12
C VAL A 165 5.52 5.08 -16.47
N ILE A 166 5.81 4.91 -17.76
CA ILE A 166 6.88 4.00 -18.17
C ILE A 166 8.23 4.47 -17.63
N ILE A 167 8.49 5.79 -17.70
CA ILE A 167 9.74 6.34 -17.20
C ILE A 167 9.84 6.16 -15.69
N SER A 168 8.74 6.38 -14.97
CA SER A 168 8.75 6.19 -13.52
C SER A 168 9.05 4.74 -13.16
N ALA A 169 8.41 3.79 -13.84
CA ALA A 169 8.68 2.38 -13.58
C ALA A 169 10.13 2.02 -13.90
N LEU A 170 10.66 2.56 -15.00
CA LEU A 170 12.04 2.30 -15.38
C LEU A 170 13.02 2.86 -14.35
N ILE A 171 12.79 4.09 -13.89
CA ILE A 171 13.71 4.71 -12.94
C ILE A 171 13.64 4.00 -11.59
N ALA A 172 12.44 3.60 -11.17
CA ALA A 172 12.31 2.82 -9.93
C ALA A 172 13.02 1.47 -10.04
N THR A 173 12.90 0.81 -11.19
CA THR A 173 13.58 -0.46 -11.41
C THR A 173 15.10 -0.31 -11.35
N LEU A 174 15.63 0.70 -12.05
CA LEU A 174 17.08 0.93 -12.04
C LEU A 174 17.57 1.36 -10.66
N TYR A 175 16.78 2.16 -9.94
CA TYR A 175 17.16 2.52 -8.58
C TYR A 175 17.24 1.30 -7.69
N THR A 176 16.24 0.42 -7.76
CA THR A 176 16.24 -0.79 -6.94
C THR A 176 17.42 -1.69 -7.28
N LEU A 177 17.71 -1.87 -8.57
CA LEU A 177 18.82 -2.73 -8.97
C LEU A 177 20.17 -2.14 -8.56
N VAL A 178 20.39 -0.85 -8.85
CA VAL A 178 21.66 -0.22 -8.54
C VAL A 178 21.89 -0.16 -7.04
N GLY A 179 20.85 0.19 -6.26
CA GLY A 179 20.98 0.20 -4.82
C GLY A 179 21.18 -1.18 -4.24
N GLY A 180 20.65 -2.21 -4.92
CA GLY A 180 20.72 -3.55 -4.36
C GLY A 180 22.14 -4.11 -4.26
N LEU A 181 22.91 -4.02 -5.35
CA LEU A 181 24.22 -4.64 -5.36
C LEU A 181 25.23 -3.84 -4.54
N TYR A 182 25.12 -2.52 -4.54
CA TYR A 182 25.99 -1.69 -3.72
C TYR A 182 25.40 -1.50 -2.34
N SER A 183 26.11 -0.75 -1.50
CA SER A 183 25.68 -0.49 -0.13
C SER A 183 24.94 0.84 -0.07
N VAL A 184 23.75 0.82 0.54
CA VAL A 184 22.99 2.03 0.80
C VAL A 184 22.73 2.14 2.30
N ALA A 185 23.13 3.27 2.88
CA ALA A 185 22.91 3.55 4.29
C ALA A 185 22.32 4.94 4.43
N TYR A 186 21.26 5.06 5.22
CA TYR A 186 20.59 6.32 5.55
C TYR A 186 20.03 7.02 4.32
N THR A 187 19.78 6.27 3.23
CA THR A 187 19.06 6.83 2.10
C THR A 187 17.61 7.13 2.48
N ASP A 188 17.00 6.26 3.29
CA ASP A 188 15.61 6.43 3.68
C ASP A 188 15.44 7.62 4.61
N VAL A 189 16.42 7.93 5.45
CA VAL A 189 16.32 9.08 6.34
C VAL A 189 16.31 10.37 5.53
N VAL A 190 17.23 10.49 4.58
CA VAL A 190 17.30 11.68 3.73
C VAL A 190 16.07 11.78 2.84
N GLN A 191 15.60 10.65 2.34
CA GLN A 191 14.39 10.65 1.51
C GLN A 191 13.16 11.08 2.30
N LEU A 192 13.03 10.59 3.55
CA LEU A 192 11.93 11.01 4.41
C LEU A 192 12.02 12.50 4.74
N PHE A 193 13.23 12.99 4.96
CA PHE A 193 13.42 14.42 5.17
C PHE A 193 12.97 15.22 3.95
N CYS A 194 13.29 14.72 2.74
CA CYS A 194 12.85 15.38 1.53
C CYS A 194 11.33 15.38 1.39
N ILE A 195 10.68 14.26 1.71
CA ILE A 195 9.21 14.20 1.66
C ILE A 195 8.60 15.22 2.61
N PHE A 196 9.06 15.20 3.86
CA PHE A 196 8.54 16.10 4.89
C PHE A 196 8.71 17.56 4.48
N VAL A 197 9.93 17.93 4.07
CA VAL A 197 10.20 19.33 3.75
C VAL A 197 9.45 19.77 2.50
N GLY A 198 9.44 18.95 1.45
CA GLY A 198 8.77 19.33 0.22
C GLY A 198 7.28 19.53 0.42
N LEU A 199 6.63 18.59 1.11
CA LEU A 199 5.19 18.72 1.34
C LEU A 199 4.87 19.91 2.24
N TRP A 200 5.63 20.07 3.33
CA TRP A 200 5.29 21.12 4.28
C TRP A 200 5.78 22.50 3.84
N ILE A 201 6.55 22.61 2.77
CA ILE A 201 6.78 23.90 2.14
C ILE A 201 5.80 24.14 1.01
N SER A 202 5.24 23.07 0.43
CA SER A 202 4.23 23.24 -0.61
C SER A 202 2.90 23.70 -0.03
N VAL A 203 2.53 23.20 1.15
CA VAL A 203 1.20 23.50 1.72
C VAL A 203 0.96 24.99 1.95
N PRO A 204 1.85 25.74 2.63
CA PRO A 204 1.55 27.17 2.85
C PRO A 204 1.45 27.99 1.56
N PHE A 205 2.21 27.64 0.53
CA PHE A 205 2.10 28.35 -0.74
C PHE A 205 0.76 28.06 -1.42
N ALA A 206 0.29 26.82 -1.33
CA ALA A 206 -1.00 26.47 -1.89
C ALA A 206 -2.14 27.15 -1.14
N LEU A 207 -2.01 27.29 0.19
CA LEU A 207 -3.10 27.87 0.97
C LEU A 207 -3.30 29.36 0.67
N SER A 208 -2.25 30.05 0.25
CA SER A 208 -2.30 31.49 0.05
C SER A 208 -2.72 31.89 -1.36
N HIS A 209 -3.05 30.94 -2.22
CA HIS A 209 -3.49 31.27 -3.57
C HIS A 209 -4.84 31.98 -3.52
N PRO A 210 -5.04 33.01 -4.36
CA PRO A 210 -6.33 33.72 -4.37
C PRO A 210 -7.51 32.84 -4.74
N ALA A 211 -7.29 31.76 -5.49
CA ALA A 211 -8.40 30.88 -5.86
C ALA A 211 -8.88 30.03 -4.69
N VAL A 212 -7.96 29.62 -3.82
CA VAL A 212 -8.31 28.73 -2.71
C VAL A 212 -9.09 29.49 -1.66
N ALA A 213 -10.22 28.94 -1.25
CA ALA A 213 -11.04 29.54 -0.21
C ALA A 213 -10.66 28.99 1.15
N ASP A 214 -11.36 29.43 2.19
CA ASP A 214 -11.11 28.99 3.55
C ASP A 214 -11.43 27.51 3.68
N ILE A 215 -10.40 26.70 3.97
CA ILE A 215 -10.61 25.27 4.08
C ILE A 215 -11.34 24.89 5.35
N GLY A 216 -11.33 25.77 6.36
CA GLY A 216 -12.19 25.54 7.52
C GLY A 216 -13.66 25.68 7.19
N PHE A 217 -14.01 26.66 6.37
CA PHE A 217 -15.39 26.85 5.96
C PHE A 217 -15.84 25.77 4.99
N THR A 218 -14.95 25.36 4.09
CA THR A 218 -15.30 24.37 3.07
C THR A 218 -15.46 22.99 3.68
N ALA A 219 -14.84 22.74 4.83
CA ALA A 219 -14.97 21.46 5.50
C ALA A 219 -16.40 21.18 5.93
N VAL A 220 -17.17 22.21 6.29
CA VAL A 220 -18.52 22.03 6.80
C VAL A 220 -19.58 22.68 5.92
N HIS A 221 -19.20 23.44 4.91
CA HIS A 221 -20.16 24.07 4.01
C HIS A 221 -19.74 23.83 2.57
N ALA A 222 -20.72 23.77 1.68
CA ALA A 222 -20.51 23.44 0.28
C ALA A 222 -20.63 24.71 -0.56
N LYS A 223 -19.56 25.05 -1.27
CA LYS A 223 -19.61 26.14 -2.24
C LYS A 223 -19.26 25.69 -3.65
N TYR A 224 -18.11 25.03 -3.85
CA TYR A 224 -17.73 24.52 -5.16
C TYR A 224 -18.14 23.07 -5.36
N GLN A 225 -17.95 22.23 -4.34
CA GLN A 225 -18.43 20.86 -4.35
C GLN A 225 -18.92 20.54 -2.94
N LYS A 226 -19.23 19.28 -2.70
CA LYS A 226 -19.66 18.86 -1.38
C LYS A 226 -18.51 19.03 -0.38
N PRO A 227 -18.83 19.27 0.90
CA PRO A 227 -17.77 19.54 1.89
C PRO A 227 -16.80 18.37 2.00
N TRP A 228 -15.51 18.71 2.10
CA TRP A 228 -14.47 17.70 2.01
C TRP A 228 -14.31 16.87 3.28
N LEU A 229 -14.95 17.27 4.37
CA LEU A 229 -14.95 16.44 5.56
C LEU A 229 -15.66 15.12 5.30
N GLY A 230 -16.65 15.13 4.40
CA GLY A 230 -17.38 13.93 4.05
C GLY A 230 -18.52 13.67 5.01
N THR A 231 -19.28 12.64 4.69
CA THR A 231 -20.40 12.22 5.53
C THR A 231 -20.61 10.73 5.38
N VAL A 232 -21.12 10.11 6.44
CA VAL A 232 -21.48 8.70 6.44
C VAL A 232 -22.95 8.60 6.77
N ASP A 233 -23.72 7.99 5.88
CA ASP A 233 -25.13 7.77 6.15
C ASP A 233 -25.31 6.70 7.21
N SER A 234 -26.50 6.67 7.81
CA SER A 234 -26.80 5.67 8.83
C SER A 234 -26.85 4.26 8.25
N SER A 235 -27.27 4.13 6.99
CA SER A 235 -27.29 2.84 6.32
C SER A 235 -25.91 2.41 5.82
N GLU A 236 -24.95 3.32 5.76
CA GLU A 236 -23.61 3.01 5.28
C GLU A 236 -22.64 2.65 6.39
N VAL A 237 -23.06 2.80 7.66
CA VAL A 237 -22.14 2.74 8.80
C VAL A 237 -21.38 1.43 8.82
N TYR A 238 -22.11 0.31 8.72
CA TYR A 238 -21.48 -1.00 8.73
C TYR A 238 -20.46 -1.13 7.62
N SER A 239 -20.82 -0.68 6.41
CA SER A 239 -19.89 -0.74 5.29
C SER A 239 -18.64 0.08 5.59
N TRP A 240 -18.81 1.27 6.19
CA TRP A 240 -17.67 2.06 6.61
C TRP A 240 -16.78 1.25 7.53
N LEU A 241 -17.37 0.64 8.56
CA LEU A 241 -16.60 -0.17 9.50
C LEU A 241 -15.90 -1.29 8.77
N ASP A 242 -16.60 -1.92 7.82
CA ASP A 242 -16.03 -3.00 7.04
C ASP A 242 -14.74 -2.54 6.37
N SER A 243 -14.81 -1.39 5.67
CA SER A 243 -13.64 -0.89 4.97
C SER A 243 -12.51 -0.63 5.95
N PHE A 244 -12.84 -0.04 7.11
CA PHE A 244 -11.81 0.31 8.07
C PHE A 244 -11.08 -0.93 8.54
N LEU A 245 -11.84 -2.01 8.81
CA LEU A 245 -11.20 -3.24 9.25
C LEU A 245 -10.28 -3.78 8.17
N LEU A 246 -10.73 -3.70 6.91
CA LEU A 246 -9.91 -4.17 5.80
C LEU A 246 -8.61 -3.41 5.72
N LEU A 247 -8.62 -2.13 6.06
CA LEU A 247 -7.40 -1.35 5.97
C LEU A 247 -6.57 -1.46 7.24
N MET A 248 -7.18 -1.82 8.36
CA MET A 248 -6.45 -1.84 9.61
C MET A 248 -5.81 -3.20 9.85
N LEU A 249 -6.50 -4.28 9.47
CA LEU A 249 -6.00 -5.63 9.64
C LEU A 249 -5.32 -6.16 8.40
N GLY A 250 -5.75 -5.72 7.20
CA GLY A 250 -5.08 -6.11 5.98
C GLY A 250 -3.79 -5.38 5.70
N GLY A 251 -3.53 -4.29 6.40
CA GLY A 251 -2.27 -3.59 6.28
C GLY A 251 -1.14 -4.16 7.10
N ILE A 252 -1.42 -5.13 7.95
CA ILE A 252 -0.40 -5.76 8.80
C ILE A 252 0.43 -6.79 8.04
N PRO A 253 -0.15 -7.83 7.38
CA PRO A 253 0.75 -8.88 6.86
C PRO A 253 1.46 -8.52 5.57
N TRP A 254 2.53 -7.75 5.69
CA TRP A 254 3.32 -7.33 4.55
C TRP A 254 4.79 -7.60 4.81
N GLN A 255 5.50 -8.06 3.78
CA GLN A 255 6.91 -8.41 3.94
C GLN A 255 7.78 -7.18 4.15
N ALA A 256 7.36 -6.03 3.65
CA ALA A 256 8.12 -4.80 3.86
C ALA A 256 8.18 -4.41 5.33
N TYR A 257 7.13 -4.74 6.10
CA TYR A 257 7.12 -4.45 7.52
C TYR A 257 7.82 -5.54 8.33
N PHE A 258 7.56 -6.81 8.00
CA PHE A 258 8.16 -7.88 8.77
C PHE A 258 9.65 -8.05 8.47
N GLN A 259 10.14 -7.52 7.36
CA GLN A 259 11.58 -7.50 7.12
C GLN A 259 12.27 -6.61 8.14
N ARG A 260 11.70 -5.44 8.45
CA ARG A 260 12.23 -4.60 9.51
C ARG A 260 11.96 -5.15 10.90
N VAL A 261 10.86 -5.89 11.07
CA VAL A 261 10.57 -6.47 12.37
C VAL A 261 11.59 -7.56 12.71
N LEU A 262 11.86 -8.45 11.75
CA LEU A 262 12.71 -9.60 12.01
C LEU A 262 14.18 -9.22 12.10
N SER A 263 14.60 -8.15 11.42
CA SER A 263 15.99 -7.74 11.42
C SER A 263 16.37 -6.89 12.61
N SER A 264 15.43 -6.59 13.51
CA SER A 264 15.72 -5.76 14.66
C SER A 264 16.53 -6.54 15.70
N SER A 265 17.24 -5.79 16.54
CA SER A 265 18.10 -6.39 17.55
C SER A 265 17.29 -7.05 18.66
N SER A 266 16.18 -6.43 19.08
CA SER A 266 15.37 -6.95 20.16
C SER A 266 13.90 -6.76 19.82
N ALA A 267 13.04 -7.47 20.55
CA ALA A 267 11.60 -7.34 20.35
C ALA A 267 11.10 -5.97 20.75
N THR A 268 11.65 -5.41 21.84
CA THR A 268 11.28 -4.07 22.27
C THR A 268 11.66 -3.04 21.21
N TYR A 269 12.83 -3.21 20.57
CA TYR A 269 13.23 -2.30 19.51
C TYR A 269 12.26 -2.36 18.33
N ALA A 270 11.79 -3.57 17.99
CA ALA A 270 10.80 -3.72 16.93
C ALA A 270 9.49 -3.03 17.29
N GLN A 271 9.03 -3.21 18.54
CA GLN A 271 7.79 -2.57 18.97
C GLN A 271 7.89 -1.05 18.90
N VAL A 272 9.00 -0.51 19.40
CA VAL A 272 9.15 0.95 19.46
C VAL A 272 9.31 1.52 18.06
N LEU A 273 10.01 0.81 17.17
CA LEU A 273 10.09 1.29 15.80
C LEU A 273 8.74 1.24 15.11
N SER A 274 7.90 0.25 15.44
CA SER A 274 6.54 0.22 14.91
C SER A 274 5.73 1.44 15.37
N PHE A 275 5.84 1.78 16.66
CA PHE A 275 5.08 2.91 17.18
C PHE A 275 5.57 4.24 16.60
N LEU A 276 6.90 4.41 16.51
CA LEU A 276 7.47 5.62 15.92
C LEU A 276 7.12 5.72 14.45
N ALA A 277 7.10 4.59 13.74
CA ALA A 277 6.70 4.60 12.34
C ALA A 277 5.25 4.98 12.17
N ALA A 278 4.37 4.51 13.06
CA ALA A 278 2.97 4.90 12.99
C ALA A 278 2.80 6.40 13.22
N PHE A 279 3.53 6.95 14.19
CA PHE A 279 3.49 8.39 14.43
C PHE A 279 3.98 9.17 13.20
N GLY A 280 5.08 8.72 12.60
CA GLY A 280 5.59 9.39 11.42
C GLY A 280 4.63 9.29 10.24
N CYS A 281 3.94 8.17 10.11
CA CYS A 281 2.96 8.00 9.04
C CYS A 281 1.79 8.96 9.22
N LEU A 282 1.31 9.14 10.45
CA LEU A 282 0.24 10.11 10.68
C LEU A 282 0.70 11.54 10.36
N VAL A 283 1.93 11.88 10.78
CA VAL A 283 2.47 13.21 10.49
C VAL A 283 2.60 13.43 8.99
N MET A 284 3.04 12.40 8.25
CA MET A 284 3.12 12.51 6.80
C MET A 284 1.75 12.59 6.15
N ALA A 285 0.74 11.97 6.78
CA ALA A 285 -0.60 11.98 6.20
C ALA A 285 -1.28 13.33 6.34
N ILE A 286 -0.88 14.13 7.34
CA ILE A 286 -1.52 15.45 7.53
C ILE A 286 -1.42 16.36 6.31
N PRO A 287 -0.24 16.60 5.71
CA PRO A 287 -0.21 17.53 4.56
C PRO A 287 -0.90 16.98 3.31
N ALA A 288 -0.96 15.66 3.13
CA ALA A 288 -1.72 15.11 2.01
C ALA A 288 -3.21 15.42 2.17
N ILE A 289 -3.73 15.28 3.40
CA ILE A 289 -5.11 15.66 3.68
C ILE A 289 -5.32 17.14 3.40
N LEU A 290 -4.36 17.98 3.80
CA LEU A 290 -4.49 19.41 3.57
C LEU A 290 -4.49 19.75 2.08
N ILE A 291 -3.66 19.06 1.29
CA ILE A 291 -3.61 19.32 -0.16
C ILE A 291 -4.91 18.86 -0.82
N GLY A 292 -5.44 17.71 -0.41
CA GLY A 292 -6.74 17.30 -0.91
C GLY A 292 -7.85 18.26 -0.55
N ALA A 293 -7.81 18.79 0.67
CA ALA A 293 -8.79 19.79 1.09
C ALA A 293 -8.66 21.09 0.30
N ILE A 294 -7.42 21.50 -0.01
CA ILE A 294 -7.20 22.68 -0.84
C ILE A 294 -7.74 22.46 -2.24
N GLY A 295 -7.51 21.28 -2.81
CA GLY A 295 -8.08 20.96 -4.11
C GLY A 295 -9.61 20.97 -4.09
N ALA A 296 -10.20 20.50 -2.99
CA ALA A 296 -11.65 20.56 -2.85
C ALA A 296 -12.16 21.98 -2.58
N SER A 297 -11.28 22.92 -2.25
CA SER A 297 -11.67 24.28 -1.92
C SER A 297 -11.24 25.29 -2.98
N THR A 298 -10.83 24.84 -4.16
CA THR A 298 -10.23 25.70 -5.17
C THR A 298 -11.26 26.08 -6.23
N ASP A 299 -11.29 27.36 -6.58
CA ASP A 299 -12.01 27.84 -7.76
C ASP A 299 -11.10 27.65 -8.96
N TRP A 300 -11.32 26.55 -9.70
CA TRP A 300 -10.43 26.23 -10.80
C TRP A 300 -10.61 27.14 -12.00
N ASN A 301 -11.71 27.89 -12.07
CA ASN A 301 -11.88 28.86 -13.15
C ASN A 301 -10.90 30.02 -13.03
N GLN A 302 -10.36 30.27 -11.83
CA GLN A 302 -9.42 31.35 -11.62
C GLN A 302 -7.97 30.94 -11.85
N THR A 303 -7.65 29.64 -11.75
CA THR A 303 -6.29 29.19 -11.99
C THR A 303 -6.06 28.97 -13.49
N ALA A 304 -4.81 28.64 -13.84
CA ALA A 304 -4.48 28.34 -15.22
C ALA A 304 -4.98 26.97 -15.66
N TYR A 305 -5.39 26.11 -14.72
CA TYR A 305 -6.01 24.85 -15.10
C TYR A 305 -7.33 25.08 -15.81
N GLY A 306 -8.08 26.08 -15.39
CA GLY A 306 -9.30 26.49 -16.06
C GLY A 306 -10.44 25.52 -15.86
N LEU A 307 -11.53 25.82 -16.55
CA LEU A 307 -12.68 24.92 -16.46
C LEU A 307 -12.70 23.99 -17.67
N PRO A 308 -13.10 22.72 -17.51
CA PRO A 308 -13.64 22.08 -16.30
C PRO A 308 -12.62 21.76 -15.20
N ASP A 309 -13.15 21.55 -14.00
CA ASP A 309 -12.36 21.18 -12.84
C ASP A 309 -11.82 19.75 -12.97
N PRO A 310 -10.79 19.39 -12.19
CA PRO A 310 -10.14 18.07 -12.40
C PRO A 310 -11.04 16.85 -12.27
N LYS A 311 -12.04 16.86 -11.38
CA LYS A 311 -12.89 15.68 -11.26
C LYS A 311 -13.87 15.57 -12.43
N THR A 312 -14.24 16.70 -13.03
CA THR A 312 -15.04 16.65 -14.25
C THR A 312 -14.22 16.14 -15.43
N THR A 313 -12.92 16.39 -15.41
CA THR A 313 -11.98 15.96 -16.44
C THR A 313 -11.54 14.51 -16.20
N GLU A 314 -12.01 13.89 -15.12
CA GLU A 314 -11.59 12.56 -14.66
C GLU A 314 -10.08 12.52 -14.39
N GLU A 315 -9.59 13.60 -13.77
CA GLU A 315 -8.22 13.70 -13.30
C GLU A 315 -8.17 13.93 -11.79
N ALA A 316 -9.11 13.30 -11.06
CA ALA A 316 -9.13 13.44 -9.61
C ALA A 316 -7.91 12.81 -8.96
N ASP A 317 -7.48 11.65 -9.46
CA ASP A 317 -6.30 10.97 -8.93
C ASP A 317 -5.02 11.76 -9.15
N MET A 318 -5.05 12.80 -9.98
CA MET A 318 -3.93 13.69 -10.21
C MET A 318 -4.09 15.01 -9.46
N ILE A 319 -4.88 15.05 -8.39
CA ILE A 319 -5.20 16.32 -7.75
C ILE A 319 -3.98 16.91 -7.04
N LEU A 320 -3.15 16.06 -6.43
CA LEU A 320 -1.98 16.57 -5.72
C LEU A 320 -0.96 17.22 -6.65
N PRO A 321 -0.53 16.60 -7.77
CA PRO A 321 0.38 17.34 -8.68
C PRO A 321 -0.24 18.61 -9.24
N ILE A 322 -1.54 18.60 -9.55
CA ILE A 322 -2.20 19.78 -10.10
C ILE A 322 -2.12 20.94 -9.12
N VAL A 323 -2.42 20.67 -7.85
CA VAL A 323 -2.28 21.68 -6.80
C VAL A 323 -0.83 22.15 -6.71
N LEU A 324 0.12 21.22 -6.89
CA LEU A 324 1.53 21.60 -6.89
C LEU A 324 1.86 22.47 -8.09
N GLN A 325 1.22 22.21 -9.23
CA GLN A 325 1.60 22.90 -10.45
C GLN A 325 0.87 24.22 -10.64
N TYR A 326 -0.42 24.27 -10.33
CA TYR A 326 -1.25 25.41 -10.67
C TYR A 326 -1.52 26.35 -9.50
N LEU A 327 -1.12 25.99 -8.29
CA LEU A 327 -1.35 26.83 -7.12
C LEU A 327 -0.07 27.23 -6.39
N CYS A 328 1.09 26.77 -6.86
CA CYS A 328 2.37 27.01 -6.21
C CYS A 328 3.34 27.57 -7.23
N PRO A 329 4.36 28.31 -6.78
CA PRO A 329 5.43 28.73 -7.69
C PRO A 329 6.23 27.55 -8.21
N VAL A 330 7.05 27.83 -9.22
CA VAL A 330 7.73 26.76 -9.96
C VAL A 330 8.73 26.03 -9.08
N TYR A 331 9.49 26.75 -8.27
CA TYR A 331 10.47 26.10 -7.39
C TYR A 331 9.76 25.29 -6.31
N ILE A 332 8.64 25.77 -5.81
CA ILE A 332 7.84 25.00 -4.86
C ILE A 332 7.28 23.75 -5.53
N SER A 333 6.90 23.87 -6.81
CA SER A 333 6.46 22.70 -7.56
C SER A 333 7.59 21.69 -7.69
N PHE A 334 8.83 22.17 -7.85
CA PHE A 334 9.97 21.27 -7.96
C PHE A 334 10.26 20.58 -6.63
N PHE A 335 10.11 21.31 -5.52
CA PHE A 335 10.22 20.68 -4.20
C PHE A 335 9.15 19.61 -3.99
N GLY A 336 7.93 19.89 -4.41
CA GLY A 336 6.87 18.89 -4.29
C GLY A 336 7.12 17.67 -5.17
N LEU A 337 7.63 17.89 -6.38
CA LEU A 337 7.99 16.78 -7.25
C LEU A 337 9.11 15.94 -6.64
N GLY A 338 10.09 16.60 -6.02
CA GLY A 338 11.12 15.87 -5.32
C GLY A 338 10.60 15.07 -4.14
N ALA A 339 9.65 15.64 -3.41
CA ALA A 339 9.04 14.92 -2.28
C ALA A 339 8.29 13.67 -2.75
N VAL A 340 7.50 13.81 -3.82
CA VAL A 340 6.78 12.67 -4.36
C VAL A 340 7.74 11.63 -4.91
N SER A 341 8.81 12.08 -5.58
CA SER A 341 9.82 11.15 -6.09
C SER A 341 10.50 10.39 -4.96
N ALA A 342 10.85 11.08 -3.88
CA ALA A 342 11.48 10.42 -2.75
C ALA A 342 10.56 9.39 -2.13
N ALA A 343 9.27 9.72 -1.96
CA ALA A 343 8.31 8.76 -1.41
C ALA A 343 8.18 7.55 -2.31
N VAL A 344 8.06 7.78 -3.62
CA VAL A 344 7.84 6.67 -4.55
C VAL A 344 9.07 5.77 -4.63
N MET A 345 10.28 6.36 -4.65
CA MET A 345 11.48 5.53 -4.68
C MET A 345 11.63 4.72 -3.40
N SER A 346 11.46 5.37 -2.24
CA SER A 346 11.64 4.66 -0.98
C SER A 346 10.59 3.59 -0.76
N SER A 347 9.42 3.71 -1.38
CA SER A 347 8.44 2.64 -1.28
C SER A 347 8.59 1.58 -2.37
N ALA A 348 8.96 1.98 -3.58
CA ALA A 348 9.07 1.03 -4.69
C ALA A 348 10.26 0.11 -4.49
N ASP A 349 11.35 0.62 -3.91
CA ASP A 349 12.48 -0.24 -3.59
C ASP A 349 12.04 -1.37 -2.67
N SER A 350 11.33 -1.04 -1.59
CA SER A 350 10.90 -2.05 -0.63
C SER A 350 9.87 -3.00 -1.24
N SER A 351 8.92 -2.47 -2.03
CA SER A 351 7.88 -3.30 -2.63
C SER A 351 8.48 -4.30 -3.64
N ILE A 352 9.30 -3.80 -4.55
CA ILE A 352 9.92 -4.66 -5.56
C ILE A 352 10.85 -5.68 -4.90
N LEU A 353 11.64 -5.24 -3.92
CA LEU A 353 12.57 -6.15 -3.26
C LEU A 353 11.83 -7.21 -2.44
N SER A 354 10.73 -6.84 -1.79
CA SER A 354 9.97 -7.84 -1.03
C SER A 354 9.34 -8.87 -1.95
N ALA A 355 8.73 -8.42 -3.05
CA ALA A 355 8.14 -9.37 -4.01
C ALA A 355 9.22 -10.28 -4.60
N SER A 356 10.35 -9.70 -5.00
CA SER A 356 11.41 -10.49 -5.62
C SER A 356 12.05 -11.45 -4.64
N SER A 357 12.27 -11.02 -3.40
CA SER A 357 12.86 -11.89 -2.40
C SER A 357 11.92 -13.04 -2.04
N MET A 358 10.62 -12.75 -1.91
CA MET A 358 9.67 -13.81 -1.62
C MET A 358 9.60 -14.81 -2.76
N PHE A 359 9.59 -14.34 -4.01
CA PHE A 359 9.56 -15.26 -5.15
C PHE A 359 10.85 -16.08 -5.24
N ALA A 360 12.00 -15.44 -5.01
CA ALA A 360 13.27 -16.13 -5.15
C ALA A 360 13.48 -17.15 -4.05
N ARG A 361 13.13 -16.81 -2.81
CA ARG A 361 13.37 -17.72 -1.69
C ARG A 361 12.27 -18.76 -1.57
N ASN A 362 11.02 -18.34 -1.44
CA ASN A 362 9.95 -19.26 -1.09
C ASN A 362 9.50 -20.13 -2.26
N ILE A 363 9.53 -19.60 -3.47
CA ILE A 363 9.01 -20.31 -4.63
C ILE A 363 10.14 -21.04 -5.37
N TYR A 364 11.14 -20.27 -5.81
CA TYR A 364 12.17 -20.82 -6.68
C TYR A 364 13.16 -21.67 -5.91
N GLN A 365 13.75 -21.13 -4.84
CA GLN A 365 14.83 -21.83 -4.15
C GLN A 365 14.31 -23.01 -3.34
N LEU A 366 13.18 -22.84 -2.65
CA LEU A 366 12.74 -23.85 -1.70
C LEU A 366 11.96 -24.98 -2.37
N SER A 367 10.96 -24.65 -3.20
CA SER A 367 10.14 -25.68 -3.82
C SER A 367 10.87 -26.35 -4.98
N PHE A 368 11.28 -25.57 -5.99
CA PHE A 368 11.81 -26.14 -7.21
C PHE A 368 13.24 -26.66 -7.01
N ARG A 369 14.07 -25.92 -6.29
CA ARG A 369 15.46 -26.33 -6.08
C ARG A 369 15.69 -26.80 -4.65
N SER A 373 22.06 -22.16 -6.23
CA SER A 373 23.28 -21.43 -6.55
C SER A 373 23.11 -19.94 -6.31
N ASP A 374 24.17 -19.30 -5.80
CA ASP A 374 24.09 -17.87 -5.47
C ASP A 374 23.93 -17.02 -6.72
N LYS A 375 24.76 -17.27 -7.74
CA LYS A 375 24.67 -16.52 -8.99
C LYS A 375 23.32 -16.75 -9.67
N GLU A 376 22.84 -18.00 -9.64
CA GLU A 376 21.52 -18.30 -10.20
C GLU A 376 20.42 -17.54 -9.47
N ILE A 377 20.49 -17.48 -8.14
CA ILE A 377 19.48 -16.79 -7.35
C ILE A 377 19.50 -15.29 -7.64
N VAL A 378 20.70 -14.71 -7.73
CA VAL A 378 20.84 -13.30 -8.08
C VAL A 378 20.22 -13.02 -9.44
N TRP A 379 20.48 -13.91 -10.41
CA TRP A 379 19.98 -13.68 -11.76
C TRP A 379 18.45 -13.77 -11.83
N VAL A 380 17.87 -14.79 -11.17
CA VAL A 380 16.41 -14.92 -11.23
C VAL A 380 15.77 -13.77 -10.48
N MET A 381 16.43 -13.28 -9.42
CA MET A 381 15.88 -12.14 -8.72
C MET A 381 16.00 -10.84 -9.52
N ARG A 382 16.97 -10.75 -10.44
CA ARG A 382 17.04 -9.59 -11.33
C ARG A 382 15.93 -9.63 -12.38
N ILE A 383 15.75 -10.79 -13.01
CA ILE A 383 14.72 -10.90 -14.03
C ILE A 383 13.32 -10.78 -13.40
N THR A 384 13.18 -11.25 -12.15
CA THR A 384 11.91 -11.13 -11.44
C THR A 384 11.59 -9.66 -11.16
N VAL A 385 12.62 -8.88 -10.83
CA VAL A 385 12.45 -7.44 -10.69
C VAL A 385 11.92 -6.83 -11.97
N PHE A 386 12.50 -7.23 -13.11
CA PHE A 386 12.03 -6.67 -14.40
C PHE A 386 10.58 -7.08 -14.70
N VAL A 387 10.22 -8.34 -14.52
CA VAL A 387 8.87 -8.79 -14.85
C VAL A 387 7.84 -8.16 -13.91
N PHE A 388 8.16 -8.08 -12.61
CA PHE A 388 7.26 -7.42 -11.67
C PHE A 388 7.08 -5.95 -12.02
N GLY A 389 8.17 -5.28 -12.42
CA GLY A 389 8.05 -3.89 -12.83
C GLY A 389 7.18 -3.72 -14.05
N ALA A 390 7.32 -4.61 -15.04
CA ALA A 390 6.48 -4.53 -16.24
C ALA A 390 5.01 -4.78 -15.91
N SER A 391 4.71 -5.76 -15.05
CA SER A 391 3.33 -6.04 -14.68
C SER A 391 2.71 -4.86 -13.94
N ALA A 392 3.45 -4.28 -12.98
CA ALA A 392 2.96 -3.11 -12.26
C ALA A 392 2.80 -1.92 -13.20
N THR A 393 3.67 -1.79 -14.21
CA THR A 393 3.53 -0.72 -15.20
C THR A 393 2.26 -0.89 -16.02
N ALA A 394 1.95 -2.12 -16.45
CA ALA A 394 0.73 -2.34 -17.21
C ALA A 394 -0.50 -2.03 -16.37
N MET A 395 -0.49 -2.46 -15.11
CA MET A 395 -1.60 -2.15 -14.21
C MET A 395 -1.72 -0.65 -13.97
N ALA A 396 -0.59 0.05 -13.82
CA ALA A 396 -0.62 1.49 -13.62
C ALA A 396 -1.14 2.22 -14.85
N LEU A 397 -0.80 1.74 -16.04
CA LEU A 397 -1.28 2.35 -17.27
C LEU A 397 -2.78 2.16 -17.44
N LEU A 398 -3.30 0.98 -17.09
CA LEU A 398 -4.71 0.71 -17.32
C LEU A 398 -5.63 1.50 -16.39
N THR A 399 -5.30 1.55 -15.11
CA THR A 399 -6.24 2.11 -14.13
C THR A 399 -6.25 3.64 -14.17
N LYS A 400 -7.23 4.19 -13.45
CA LYS A 400 -7.48 5.62 -13.41
C LYS A 400 -7.51 6.19 -12.00
N THR A 401 -7.19 5.39 -10.98
CA THR A 401 -7.25 5.87 -9.61
C THR A 401 -6.03 5.39 -8.83
N VAL A 402 -5.49 6.25 -7.99
CA VAL A 402 -4.39 5.88 -7.11
C VAL A 402 -4.92 5.30 -5.80
N TYR A 403 -5.93 5.97 -5.22
CA TYR A 403 -6.50 5.50 -3.97
C TYR A 403 -7.17 4.14 -4.13
N GLY A 404 -7.77 3.87 -5.29
CA GLY A 404 -8.40 2.58 -5.50
C GLY A 404 -7.42 1.43 -5.48
N LEU A 405 -6.29 1.58 -6.17
CA LEU A 405 -5.25 0.54 -6.13
C LEU A 405 -4.61 0.45 -4.75
N TRP A 406 -4.40 1.59 -4.10
CA TRP A 406 -3.85 1.62 -2.76
C TRP A 406 -4.75 0.87 -1.77
N TYR A 407 -6.06 1.04 -1.91
CA TYR A 407 -7.03 0.30 -1.10
C TYR A 407 -7.03 -1.18 -1.47
N LEU A 408 -7.05 -1.49 -2.76
CA LEU A 408 -7.16 -2.86 -3.22
C LEU A 408 -5.92 -3.70 -2.93
N SER A 409 -4.78 -3.05 -2.66
CA SER A 409 -3.56 -3.79 -2.32
C SER A 409 -3.73 -4.64 -1.06
N SER A 410 -4.54 -4.19 -0.11
CA SER A 410 -4.75 -4.91 1.13
C SER A 410 -6.04 -5.73 1.14
N ASP A 411 -6.81 -5.71 0.05
CA ASP A 411 -8.11 -6.38 0.02
C ASP A 411 -7.94 -7.90 0.16
N LEU A 412 -7.25 -8.52 -0.78
CA LEU A 412 -7.07 -9.97 -0.72
C LEU A 412 -6.14 -10.36 0.42
N VAL A 413 -5.23 -9.48 0.82
CA VAL A 413 -4.40 -9.74 1.99
C VAL A 413 -5.26 -9.89 3.24
N TYR A 414 -6.20 -8.95 3.44
CA TYR A 414 -7.14 -9.02 4.55
C TYR A 414 -8.03 -10.25 4.46
N ILE A 415 -8.52 -10.56 3.25
CA ILE A 415 -9.44 -11.68 3.09
C ILE A 415 -8.74 -13.00 3.40
N VAL A 416 -7.51 -13.17 2.91
CA VAL A 416 -6.86 -14.47 2.85
C VAL A 416 -5.75 -14.59 3.90
N ILE A 417 -4.74 -13.73 3.82
CA ILE A 417 -3.49 -13.96 4.56
C ILE A 417 -3.68 -13.68 6.05
N PHE A 418 -4.44 -12.63 6.40
CA PHE A 418 -4.60 -12.26 7.80
C PHE A 418 -5.29 -13.33 8.66
N PRO A 419 -6.39 -13.97 8.23
CA PRO A 419 -6.89 -15.11 9.03
C PRO A 419 -5.89 -16.24 9.17
N GLN A 420 -5.15 -16.55 8.10
CA GLN A 420 -4.13 -17.60 8.19
C GLN A 420 -2.99 -17.17 9.09
N LEU A 421 -2.62 -15.89 9.07
CA LEU A 421 -1.58 -15.40 9.97
C LEU A 421 -2.02 -15.52 11.43
N LEU A 422 -3.27 -15.16 11.71
CA LEU A 422 -3.81 -15.34 13.05
C LEU A 422 -3.78 -16.81 13.47
N CYS A 423 -4.12 -17.70 12.54
CA CYS A 423 -4.14 -19.12 12.86
C CYS A 423 -2.74 -19.68 13.10
N VAL A 424 -1.75 -19.27 12.31
CA VAL A 424 -0.41 -19.82 12.49
C VAL A 424 0.27 -19.23 13.71
N LEU A 425 -0.10 -18.00 14.10
CA LEU A 425 0.56 -17.42 15.26
C LEU A 425 -0.13 -17.78 16.57
N PHE A 426 -1.46 -17.75 16.63
CA PHE A 426 -2.16 -17.84 17.90
C PHE A 426 -2.99 -19.10 18.08
N VAL A 427 -3.51 -19.69 17.01
CA VAL A 427 -4.41 -20.84 17.11
C VAL A 427 -3.57 -22.10 16.97
N LYS A 428 -3.23 -22.72 18.09
CA LYS A 428 -2.51 -23.98 18.06
C LYS A 428 -3.44 -25.09 17.58
N GLY A 429 -2.91 -25.93 16.69
CA GLY A 429 -3.68 -27.02 16.12
C GLY A 429 -4.18 -26.82 14.71
N THR A 430 -3.88 -25.68 14.08
CA THR A 430 -4.23 -25.50 12.69
C THR A 430 -3.38 -26.40 11.79
N ASN A 431 -3.93 -26.76 10.64
CA ASN A 431 -3.24 -27.66 9.73
C ASN A 431 -3.59 -27.27 8.29
N THR A 432 -3.15 -28.09 7.34
CA THR A 432 -3.29 -27.75 5.93
C THR A 432 -4.73 -27.82 5.46
N TYR A 433 -5.52 -28.76 6.00
CA TYR A 433 -6.91 -28.88 5.59
C TYR A 433 -7.70 -27.62 5.95
N GLY A 434 -7.50 -27.12 7.17
CA GLY A 434 -8.13 -25.87 7.55
C GLY A 434 -7.63 -24.68 6.75
N ALA A 435 -6.34 -24.69 6.40
CA ALA A 435 -5.79 -23.61 5.58
C ALA A 435 -6.43 -23.58 4.20
N VAL A 436 -6.55 -24.75 3.56
CA VAL A 436 -7.16 -24.84 2.25
C VAL A 436 -8.64 -24.46 2.31
N ALA A 437 -9.35 -24.94 3.34
CA ALA A 437 -10.77 -24.62 3.49
C ALA A 437 -10.98 -23.13 3.72
N GLY A 438 -10.16 -22.51 4.56
CA GLY A 438 -10.28 -21.07 4.78
C GLY A 438 -9.95 -20.27 3.54
N TYR A 439 -8.91 -20.69 2.81
CA TYR A 439 -8.57 -20.08 1.53
C TYR A 439 -9.76 -20.09 0.57
N VAL A 440 -10.35 -21.27 0.37
CA VAL A 440 -11.43 -21.42 -0.60
C VAL A 440 -12.67 -20.66 -0.15
N SER A 441 -13.03 -20.77 1.13
CA SER A 441 -14.24 -20.12 1.63
C SER A 441 -14.13 -18.60 1.57
N GLY A 442 -13.01 -18.05 2.04
CA GLY A 442 -12.83 -16.61 1.97
C GLY A 442 -12.78 -16.10 0.54
N LEU A 443 -12.10 -16.82 -0.35
CA LEU A 443 -12.03 -16.40 -1.74
C LEU A 443 -13.40 -16.45 -2.40
N PHE A 444 -14.19 -17.48 -2.11
CA PHE A 444 -15.52 -17.60 -2.70
C PHE A 444 -16.43 -16.49 -2.23
N LEU A 445 -16.42 -16.20 -0.93
CA LEU A 445 -17.27 -15.13 -0.42
C LEU A 445 -16.81 -13.76 -0.88
N ARG A 446 -15.51 -13.56 -1.09
CA ARG A 446 -15.03 -12.28 -1.59
C ARG A 446 -15.36 -12.10 -3.07
N ILE A 447 -15.21 -13.15 -3.87
CA ILE A 447 -15.46 -13.05 -5.30
C ILE A 447 -16.94 -12.90 -5.59
N THR A 448 -17.79 -13.67 -4.89
CA THR A 448 -19.22 -13.58 -5.13
C THR A 448 -19.81 -12.24 -4.69
N GLY A 449 -19.10 -11.46 -3.89
CA GLY A 449 -19.56 -10.14 -3.50
C GLY A 449 -19.31 -9.06 -4.54
N GLY A 450 -18.43 -9.32 -5.49
CA GLY A 450 -18.15 -8.36 -6.54
C GLY A 450 -17.10 -7.34 -6.14
N GLU A 451 -16.67 -6.54 -7.12
CA GLU A 451 -15.69 -5.49 -6.91
C GLU A 451 -15.97 -4.31 -7.83
N PRO A 452 -16.46 -3.19 -7.29
CA PRO A 452 -16.75 -2.02 -8.15
C PRO A 452 -15.53 -1.43 -8.82
N TYR A 453 -14.36 -1.46 -8.19
CA TYR A 453 -13.16 -0.88 -8.79
C TYR A 453 -12.76 -1.62 -10.06
N LEU A 454 -12.91 -2.93 -10.07
CA LEU A 454 -12.57 -3.75 -11.23
C LEU A 454 -13.77 -4.00 -12.13
N TYR A 455 -14.91 -3.35 -11.86
CA TYR A 455 -16.13 -3.43 -12.67
C TYR A 455 -16.62 -4.87 -12.79
N LEU A 456 -16.82 -5.51 -11.63
CA LEU A 456 -17.28 -6.89 -11.56
C LEU A 456 -18.64 -6.93 -10.89
N GLN A 457 -19.58 -7.65 -11.49
CA GLN A 457 -20.93 -7.79 -10.95
C GLN A 457 -20.94 -8.78 -9.79
N PRO A 458 -21.71 -8.50 -8.75
CA PRO A 458 -21.86 -9.47 -7.67
C PRO A 458 -22.79 -10.60 -8.04
N LEU A 459 -22.49 -11.80 -7.53
CA LEU A 459 -23.36 -12.95 -7.69
C LEU A 459 -24.33 -13.08 -6.51
N ILE A 460 -23.82 -12.91 -5.30
CA ILE A 460 -24.65 -12.91 -4.09
C ILE A 460 -25.06 -11.47 -3.80
N PHE A 461 -26.35 -11.26 -3.58
CA PHE A 461 -26.89 -9.93 -3.33
C PHE A 461 -27.34 -9.85 -1.87
N TYR A 462 -26.47 -9.31 -1.03
CA TYR A 462 -26.77 -9.09 0.36
C TYR A 462 -27.75 -7.94 0.50
N PRO A 463 -28.47 -7.84 1.63
CA PRO A 463 -29.42 -6.73 1.80
C PRO A 463 -28.75 -5.37 1.74
N GLY A 464 -29.44 -4.43 1.09
CA GLY A 464 -28.95 -3.08 0.92
C GLY A 464 -28.24 -2.80 -0.38
N TYR A 465 -28.28 -3.72 -1.35
CA TYR A 465 -27.56 -3.53 -2.60
C TYR A 465 -28.18 -2.43 -3.44
N TYR A 466 -27.34 -1.65 -4.11
CA TYR A 466 -27.75 -0.50 -4.89
C TYR A 466 -26.81 -0.34 -6.08
N PRO A 467 -27.28 0.19 -7.20
CA PRO A 467 -26.39 0.48 -8.32
C PRO A 467 -25.80 1.88 -8.25
N ASP A 468 -24.55 1.98 -8.68
CA ASP A 468 -23.84 3.27 -8.68
C ASP A 468 -24.10 3.97 -10.01
N ASP A 469 -23.31 5.01 -10.30
CA ASP A 469 -23.44 5.70 -11.58
C ASP A 469 -23.12 4.79 -12.76
N ASN A 470 -22.11 3.93 -12.62
CA ASN A 470 -21.67 3.08 -13.71
C ASN A 470 -22.55 1.85 -13.91
N GLY A 471 -23.48 1.58 -13.00
CA GLY A 471 -24.39 0.46 -13.15
C GLY A 471 -23.99 -0.82 -12.46
N ILE A 472 -22.90 -0.82 -11.69
CA ILE A 472 -22.48 -2.00 -10.93
C ILE A 472 -23.12 -1.95 -9.56
N TYR A 473 -23.73 -3.06 -9.15
CA TYR A 473 -24.35 -3.11 -7.84
C TYR A 473 -23.29 -3.13 -6.74
N ASN A 474 -23.43 -2.22 -5.78
CA ASN A 474 -22.58 -2.15 -4.62
C ASN A 474 -23.27 -2.78 -3.42
N GLN A 475 -22.48 -3.17 -2.43
CA GLN A 475 -22.98 -3.85 -1.24
C GLN A 475 -22.86 -2.93 -0.03
N LYS A 476 -23.99 -2.68 0.63
CA LYS A 476 -23.96 -1.95 1.89
C LYS A 476 -23.69 -2.86 3.08
N PHE A 477 -23.82 -4.16 2.90
CA PHE A 477 -23.54 -5.17 3.90
C PHE A 477 -22.04 -5.38 4.05
N PRO A 478 -21.54 -5.60 5.26
CA PRO A 478 -20.09 -5.82 5.45
C PRO A 478 -19.66 -7.24 5.06
N PHE A 479 -19.70 -7.52 3.76
CA PHE A 479 -19.41 -8.87 3.26
C PHE A 479 -17.93 -9.19 3.26
N LYS A 480 -17.05 -8.19 3.23
CA LYS A 480 -15.61 -8.46 3.27
C LYS A 480 -15.18 -8.97 4.65
N THR A 481 -15.67 -8.32 5.71
CA THR A 481 -15.39 -8.79 7.06
C THR A 481 -16.06 -10.14 7.30
N LEU A 482 -17.24 -10.35 6.73
CA LEU A 482 -17.88 -11.66 6.82
C LEU A 482 -17.05 -12.74 6.14
N ALA A 483 -16.46 -12.41 4.98
CA ALA A 483 -15.57 -13.35 4.29
C ALA A 483 -14.32 -13.65 5.12
N MET A 484 -13.73 -12.62 5.72
CA MET A 484 -12.54 -12.81 6.57
C MET A 484 -12.86 -13.67 7.78
N VAL A 485 -13.96 -13.38 8.47
CA VAL A 485 -14.33 -14.14 9.66
C VAL A 485 -14.71 -15.56 9.28
N THR A 486 -15.37 -15.74 8.14
CA THR A 486 -15.68 -17.09 7.66
C THR A 486 -14.40 -17.85 7.33
N SER A 487 -13.41 -17.18 6.74
CA SER A 487 -12.13 -17.82 6.48
C SER A 487 -11.45 -18.28 7.77
N PHE A 488 -11.45 -17.42 8.79
CA PHE A 488 -10.83 -17.76 10.07
C PHE A 488 -11.56 -18.90 10.76
N LEU A 489 -12.89 -18.82 10.83
CA LEU A 489 -13.67 -19.85 11.50
C LEU A 489 -13.62 -21.17 10.75
N THR A 490 -13.61 -21.12 9.41
CA THR A 490 -13.48 -22.33 8.62
C THR A 490 -12.12 -22.97 8.82
N ASN A 491 -11.05 -22.16 8.88
CA ASN A 491 -9.74 -22.69 9.20
C ASN A 491 -9.76 -23.45 10.52
N ILE A 492 -10.27 -22.82 11.57
CA ILE A 492 -10.29 -23.46 12.89
C ILE A 492 -11.14 -24.73 12.87
N CYS A 493 -12.38 -24.63 12.36
CA CYS A 493 -13.32 -25.74 12.42
C CYS A 493 -12.83 -26.92 11.59
N ILE A 494 -12.38 -26.67 10.36
CA ILE A 494 -11.93 -27.77 9.50
C ILE A 494 -10.64 -28.37 10.03
N SER A 495 -9.75 -27.55 10.60
CA SER A 495 -8.53 -28.10 11.19
C SER A 495 -8.84 -29.05 12.32
N TYR A 496 -9.68 -28.62 13.27
CA TYR A 496 -10.00 -29.51 14.39
C TYR A 496 -10.85 -30.69 13.96
N LEU A 497 -11.72 -30.52 12.96
CA LEU A 497 -12.51 -31.65 12.46
C LEU A 497 -11.61 -32.69 11.79
N ALA A 498 -10.65 -32.25 10.98
CA ALA A 498 -9.73 -33.17 10.34
C ALA A 498 -8.86 -33.88 11.37
N LYS A 499 -8.40 -33.14 12.39
CA LYS A 499 -7.62 -33.77 13.45
C LYS A 499 -8.44 -34.83 14.18
N TYR A 500 -9.70 -34.52 14.49
CA TYR A 500 -10.56 -35.49 15.18
C TYR A 500 -10.83 -36.71 14.30
N LEU A 501 -11.08 -36.49 13.01
CA LEU A 501 -11.40 -37.60 12.12
C LEU A 501 -10.20 -38.52 11.92
N PHE A 502 -9.00 -37.95 11.82
CA PHE A 502 -7.83 -38.81 11.66
C PHE A 502 -7.39 -39.45 12.97
N GLU A 503 -7.58 -38.78 14.11
CA GLU A 503 -7.18 -39.36 15.39
C GLU A 503 -8.14 -40.46 15.84
N SER A 504 -9.44 -40.25 15.66
CA SER A 504 -10.43 -41.22 16.12
C SER A 504 -10.49 -42.45 15.24
N GLY A 505 -9.98 -42.36 14.00
CA GLY A 505 -10.04 -43.48 13.08
C GLY A 505 -11.26 -43.54 12.20
N THR A 506 -12.10 -42.51 12.22
CA THR A 506 -13.26 -42.48 11.33
C THR A 506 -12.82 -42.40 9.88
N LEU A 507 -11.95 -41.44 9.56
CA LEU A 507 -11.33 -41.37 8.24
C LEU A 507 -10.08 -42.23 8.22
N PRO A 508 -9.88 -43.07 7.20
CA PRO A 508 -8.69 -43.92 7.14
C PRO A 508 -7.43 -43.08 7.00
N PRO A 509 -6.32 -43.52 7.61
CA PRO A 509 -5.07 -42.75 7.53
C PRO A 509 -4.50 -42.65 6.12
N LYS A 510 -4.89 -43.54 5.21
CA LYS A 510 -4.34 -43.51 3.85
C LYS A 510 -4.82 -42.29 3.06
N LEU A 511 -5.90 -41.65 3.49
CA LEU A 511 -6.43 -40.48 2.80
C LEU A 511 -5.81 -39.18 3.27
N ASP A 512 -4.81 -39.23 4.16
CA ASP A 512 -4.12 -38.03 4.63
C ASP A 512 -3.16 -37.58 3.53
N VAL A 513 -3.71 -36.84 2.56
CA VAL A 513 -2.94 -36.44 1.40
C VAL A 513 -1.88 -35.39 1.77
N PHE A 514 -2.21 -34.49 2.70
CA PHE A 514 -1.29 -33.44 3.09
C PHE A 514 -0.37 -33.85 4.23
N ASP A 515 -0.62 -35.00 4.86
CA ASP A 515 0.17 -35.51 5.99
C ASP A 515 0.27 -34.50 7.13
N ALA A 516 -0.79 -33.70 7.33
CA ALA A 516 -0.75 -32.69 8.37
C ALA A 516 -0.93 -33.30 9.76
N VAL A 517 -1.80 -34.29 9.89
CA VAL A 517 -1.98 -34.99 11.16
C VAL A 517 -1.96 -36.50 10.94
#